data_3IJ1
#
_entry.id   3IJ1
#
_cell.length_a   57.550
_cell.length_b   85.321
_cell.length_c   91.229
_cell.angle_alpha   90.00
_cell.angle_beta   90.00
_cell.angle_gamma   90.00
#
_symmetry.space_group_name_H-M   'P 21 21 21'
#
loop_
_entity.id
_entity.type
_entity.pdbx_description
1 polymer 'Polycomb protein EED'
2 polymer 'Histone H4K20 peptide'
3 water water
#
loop_
_entity_poly.entity_id
_entity_poly.type
_entity_poly.pdbx_seq_one_letter_code
_entity_poly.pdbx_strand_id
1 'polypeptide(L)'
;KCKYSFKCVNSLKEDHNQPLFGVQFNWHSKEGDPLVFATVGSNRVTLYECHSQGEIRLLQSYVDADADENFYTCAWTYDS
NTSHPLLAVAGSRGIIRIINPITMQCIKHYVGHGNAINELKFHPRDPNLLLSVSKDHALRLWNIQTDTLVAIFGGVEGHR
DEVLSADYDLLGEKIMSCGMDHSLKLWRINSKRMMNAIKESYDYNPNKTNRPFISQKIHFPDFSTRDIHRNYVDCVRWLG
DLILSKSCENAIVCWKPGKMEDDIDKIKPSESNVTILGRFDYSQCDIWYMRFSTDFWQKMLALGNQVGKLYVWDLEVEDP
HKAKCTTLTHHKCGAAIRQTSFSRDSSILIAVCDDASIWRWDRLR
;
A
2 'polypeptide(L)' AKRHR(M3L)VLRDN B
#
# COMPACT_ATOMS: atom_id res chain seq x y z
N SER A 5 6.26 13.61 -19.89
CA SER A 5 5.10 14.56 -19.81
C SER A 5 3.75 13.90 -20.12
N PHE A 6 2.91 13.80 -19.09
CA PHE A 6 1.66 13.04 -19.17
C PHE A 6 0.50 13.75 -19.85
N LYS A 7 -0.22 13.00 -20.68
CA LYS A 7 -1.46 13.47 -21.28
C LYS A 7 -2.56 12.46 -20.98
N CYS A 8 -3.76 12.95 -20.68
CA CYS A 8 -4.88 12.06 -20.41
C CYS A 8 -5.39 11.50 -21.74
N VAL A 9 -5.36 10.18 -21.87
CA VAL A 9 -5.74 9.53 -23.14
C VAL A 9 -7.10 8.82 -23.10
N ASN A 10 -7.62 8.57 -21.90
CA ASN A 10 -8.89 7.85 -21.74
C ASN A 10 -9.41 7.90 -20.31
N SER A 11 -10.68 7.58 -20.16
CA SER A 11 -11.28 7.35 -18.85
C SER A 11 -12.45 6.40 -18.99
N LEU A 12 -12.82 5.75 -17.90
CA LEU A 12 -14.08 5.01 -17.84
C LEU A 12 -14.65 4.98 -16.42
N LYS A 13 -15.86 4.46 -16.30
CA LYS A 13 -16.54 4.35 -15.02
C LYS A 13 -17.06 2.93 -14.85
N GLU A 14 -16.87 2.35 -13.66
CA GLU A 14 -17.41 1.02 -13.34
C GLU A 14 -18.88 1.14 -12.88
N ASP A 15 -19.66 0.08 -13.14
CA ASP A 15 -21.13 0.13 -13.04
C ASP A 15 -21.70 0.23 -11.62
N HIS A 16 -20.88 0.02 -10.61
CA HIS A 16 -21.34 -0.01 -9.23
C HIS A 16 -21.46 1.39 -8.60
N ASN A 17 -20.82 2.38 -9.23
CA ASN A 17 -20.82 3.77 -8.76
C ASN A 17 -20.30 4.01 -7.33
N GLN A 18 -19.57 3.05 -6.78
CA GLN A 18 -18.96 3.18 -5.44
C GLN A 18 -17.51 3.60 -5.58
N PRO A 19 -16.89 4.12 -4.50
CA PRO A 19 -15.48 4.49 -4.63
C PRO A 19 -14.58 3.32 -5.06
N LEU A 20 -13.65 3.62 -5.96
CA LEU A 20 -12.52 2.75 -6.19
C LEU A 20 -11.42 3.18 -5.22
N PHE A 21 -11.17 2.35 -4.21
CA PHE A 21 -10.23 2.70 -3.13
C PHE A 21 -8.77 2.37 -3.44
N GLY A 22 -8.57 1.52 -4.44
CA GLY A 22 -7.22 1.06 -4.74
C GLY A 22 -7.03 0.75 -6.21
N VAL A 23 -5.80 0.97 -6.66
CA VAL A 23 -5.38 0.59 -8.00
C VAL A 23 -3.91 0.14 -7.95
N GLN A 24 -3.59 -0.94 -8.65
CA GLN A 24 -2.22 -1.44 -8.75
C GLN A 24 -1.95 -2.07 -10.11
N PHE A 25 -0.93 -1.55 -10.82
CA PHE A 25 -0.36 -2.26 -11.97
C PHE A 25 0.32 -3.53 -11.49
N ASN A 26 0.26 -4.56 -12.30
CA ASN A 26 1.01 -5.77 -12.07
C ASN A 26 2.47 -5.58 -12.53
N TRP A 27 3.38 -5.36 -11.59
CA TRP A 27 4.81 -5.20 -11.91
C TRP A 27 5.52 -6.54 -12.10
N HIS A 28 4.78 -7.63 -11.99
CA HIS A 28 5.32 -8.97 -12.28
C HIS A 28 4.79 -9.53 -13.60
N SER A 29 4.21 -8.68 -14.45
CA SER A 29 3.73 -9.15 -15.77
C SER A 29 4.92 -9.51 -16.67
N LYS A 30 4.75 -10.58 -17.45
CA LYS A 30 5.82 -11.19 -18.24
C LYS A 30 6.22 -10.33 -19.46
N GLU A 31 7.45 -10.49 -19.95
CA GLU A 31 7.93 -9.76 -21.13
C GLU A 31 7.03 -10.04 -22.33
N GLY A 32 6.61 -8.98 -23.01
CA GLY A 32 5.74 -9.12 -24.18
C GLY A 32 4.26 -9.26 -23.89
N ASP A 33 3.89 -9.41 -22.62
CA ASP A 33 2.49 -9.34 -22.24
C ASP A 33 2.08 -7.89 -22.04
N PRO A 34 0.81 -7.56 -22.36
CA PRO A 34 0.39 -6.18 -22.13
C PRO A 34 0.39 -5.79 -20.65
N LEU A 35 0.35 -4.49 -20.40
CA LEU A 35 0.36 -3.96 -19.06
C LEU A 35 -1.03 -4.12 -18.46
N VAL A 36 -1.09 -4.63 -17.24
CA VAL A 36 -2.35 -4.96 -16.57
C VAL A 36 -2.40 -4.26 -15.21
N PHE A 37 -3.57 -3.73 -14.88
CA PHE A 37 -3.78 -3.19 -13.55
C PHE A 37 -5.08 -3.71 -12.94
N ALA A 38 -5.11 -3.76 -11.62
CA ALA A 38 -6.32 -4.12 -10.88
C ALA A 38 -6.91 -2.88 -10.21
N THR A 39 -8.24 -2.83 -10.13
CA THR A 39 -8.96 -1.82 -9.35
C THR A 39 -9.75 -2.55 -8.27
N VAL A 40 -9.89 -1.94 -7.10
CA VAL A 40 -10.75 -2.47 -6.04
C VAL A 40 -11.74 -1.42 -5.54
N GLY A 41 -12.99 -1.84 -5.35
CA GLY A 41 -14.07 -0.96 -4.96
C GLY A 41 -15.35 -1.76 -4.89
N SER A 42 -16.36 -1.26 -4.18
CA SER A 42 -17.56 -2.04 -3.88
C SER A 42 -17.10 -3.40 -3.35
N ASN A 43 -17.78 -4.49 -3.71
CA ASN A 43 -17.34 -5.85 -3.33
C ASN A 43 -16.58 -6.58 -4.45
N ARG A 44 -15.84 -5.84 -5.26
CA ARG A 44 -15.18 -6.48 -6.40
C ARG A 44 -13.73 -6.07 -6.64
N VAL A 45 -13.03 -6.89 -7.40
CA VAL A 45 -11.74 -6.53 -7.96
C VAL A 45 -11.82 -6.75 -9.46
N THR A 46 -11.36 -5.78 -10.25
CA THR A 46 -11.44 -5.88 -11.70
C THR A 46 -10.04 -5.74 -12.31
N LEU A 47 -9.79 -6.53 -13.35
CA LEU A 47 -8.56 -6.44 -14.14
C LEU A 47 -8.81 -5.78 -15.48
N TYR A 48 -7.88 -4.90 -15.87
CA TYR A 48 -7.90 -4.21 -17.16
C TYR A 48 -6.54 -4.30 -17.82
N GLU A 49 -6.54 -4.29 -19.16
CA GLU A 49 -5.32 -4.33 -19.94
C GLU A 49 -5.16 -3.04 -20.71
N CYS A 50 -3.95 -2.47 -20.70
CA CYS A 50 -3.68 -1.23 -21.45
C CYS A 50 -3.21 -1.52 -22.89
N HIS A 51 -3.88 -0.90 -23.84
CA HIS A 51 -3.56 -1.05 -25.25
C HIS A 51 -3.44 0.32 -25.90
N SER A 52 -3.03 0.34 -27.17
CA SER A 52 -2.78 1.60 -27.88
C SER A 52 -4.04 2.44 -28.03
N GLN A 53 -3.84 3.71 -28.39
CA GLN A 53 -4.92 4.71 -28.50
C GLN A 53 -5.70 4.90 -27.19
N GLY A 54 -5.00 4.73 -26.07
CA GLY A 54 -5.61 4.90 -24.76
C GLY A 54 -6.60 3.82 -24.34
N GLU A 55 -6.67 2.73 -25.10
CA GLU A 55 -7.67 1.69 -24.83
C GLU A 55 -7.44 1.02 -23.47
N ILE A 56 -8.49 0.95 -22.68
CA ILE A 56 -8.47 0.24 -21.40
C ILE A 56 -9.40 -0.95 -21.54
N ARG A 57 -8.84 -2.12 -21.87
CA ARG A 57 -9.65 -3.30 -22.17
C ARG A 57 -10.08 -4.04 -20.89
N LEU A 58 -11.39 -4.12 -20.68
CA LEU A 58 -11.98 -4.84 -19.55
C LEU A 58 -11.78 -6.35 -19.69
N LEU A 59 -11.26 -6.98 -18.64
CA LEU A 59 -11.04 -8.43 -18.66
C LEU A 59 -12.12 -9.14 -17.83
N GLN A 60 -11.86 -9.32 -16.54
CA GLN A 60 -12.74 -10.11 -15.70
C GLN A 60 -12.62 -9.62 -14.26
N SER A 61 -13.70 -9.77 -13.51
CA SER A 61 -13.75 -9.40 -12.10
C SER A 61 -13.90 -10.59 -11.17
N TYR A 62 -13.44 -10.44 -9.93
CA TYR A 62 -13.87 -11.30 -8.84
C TYR A 62 -14.87 -10.49 -8.01
N VAL A 63 -16.05 -11.08 -7.80
CA VAL A 63 -17.09 -10.49 -6.97
C VAL A 63 -17.30 -11.36 -5.74
N ASP A 64 -17.17 -10.74 -4.56
CA ASP A 64 -17.30 -11.45 -3.30
C ASP A 64 -18.73 -11.97 -3.13
N ALA A 65 -18.86 -13.17 -2.57
CA ALA A 65 -20.18 -13.75 -2.28
C ALA A 65 -20.99 -12.86 -1.34
N ASP A 66 -20.29 -12.16 -0.45
CA ASP A 66 -20.94 -11.24 0.47
C ASP A 66 -21.11 -9.84 -0.16
N ALA A 67 -22.36 -9.46 -0.39
CA ALA A 67 -22.69 -8.14 -0.95
C ALA A 67 -22.26 -6.98 -0.04
N ASP A 68 -22.08 -7.26 1.25
CA ASP A 68 -21.66 -6.29 2.25
C ASP A 68 -20.14 -6.14 2.38
N GLU A 69 -19.37 -7.03 1.75
CA GLU A 69 -17.91 -6.84 1.66
C GLU A 69 -17.60 -5.56 0.89
N ASN A 70 -16.53 -4.89 1.29
CA ASN A 70 -16.01 -3.74 0.55
C ASN A 70 -14.49 -3.86 0.49
N PHE A 71 -13.97 -4.17 -0.70
CA PHE A 71 -12.52 -4.25 -0.88
C PHE A 71 -11.90 -2.86 -0.88
N TYR A 72 -10.86 -2.73 -0.08
CA TYR A 72 -10.16 -1.45 0.09
C TYR A 72 -8.81 -1.43 -0.62
N THR A 73 -8.18 -2.60 -0.69
CA THR A 73 -6.78 -2.67 -1.03
C THR A 73 -6.45 -3.92 -1.83
N CYS A 74 -5.45 -3.81 -2.68
CA CYS A 74 -4.90 -4.99 -3.34
C CYS A 74 -3.37 -4.87 -3.50
N ALA A 75 -2.73 -5.99 -3.78
CA ALA A 75 -1.29 -6.04 -3.96
C ALA A 75 -0.95 -7.27 -4.78
N TRP A 76 -0.02 -7.11 -5.72
CA TRP A 76 0.40 -8.19 -6.61
C TRP A 76 1.62 -8.92 -6.07
N THR A 77 1.65 -10.22 -6.34
CA THR A 77 2.86 -11.02 -6.15
C THR A 77 2.90 -12.09 -7.23
N TYR A 78 3.75 -13.10 -7.06
CA TYR A 78 3.73 -14.26 -7.93
C TYR A 78 3.89 -15.52 -7.10
N ASP A 79 3.40 -16.63 -7.65
CA ASP A 79 3.64 -17.94 -7.08
C ASP A 79 5.12 -18.26 -7.22
N SER A 80 5.77 -18.52 -6.09
CA SER A 80 7.22 -18.70 -6.07
C SER A 80 7.71 -19.99 -6.75
N ASN A 81 6.80 -20.91 -7.04
CA ASN A 81 7.15 -22.15 -7.77
C ASN A 81 6.84 -22.09 -9.26
N THR A 82 5.70 -21.51 -9.61
CA THR A 82 5.24 -21.50 -11.01
C THR A 82 5.53 -20.18 -11.74
N SER A 83 5.81 -19.11 -10.99
CA SER A 83 6.05 -17.76 -11.55
C SER A 83 4.78 -17.00 -11.91
N HIS A 84 3.63 -17.67 -11.85
CA HIS A 84 2.40 -17.01 -12.25
C HIS A 84 2.03 -15.94 -11.23
N PRO A 85 1.71 -14.73 -11.71
CA PRO A 85 1.22 -13.65 -10.85
C PRO A 85 0.02 -14.06 -10.00
N LEU A 86 -0.06 -13.48 -8.80
CA LEU A 86 -1.16 -13.66 -7.88
C LEU A 86 -1.58 -12.29 -7.42
N LEU A 87 -2.85 -12.16 -7.05
CA LEU A 87 -3.37 -10.91 -6.57
C LEU A 87 -4.02 -11.10 -5.20
N ALA A 88 -3.51 -10.39 -4.20
CA ALA A 88 -4.12 -10.38 -2.87
C ALA A 88 -5.07 -9.19 -2.73
N VAL A 89 -6.28 -9.43 -2.23
CA VAL A 89 -7.27 -8.37 -2.00
C VAL A 89 -7.83 -8.45 -0.56
N ALA A 90 -8.23 -7.31 -0.01
CA ALA A 90 -8.79 -7.27 1.33
C ALA A 90 -9.57 -5.98 1.56
N GLY A 91 -10.44 -5.97 2.56
CA GLY A 91 -11.23 -4.78 2.88
C GLY A 91 -11.95 -4.90 4.21
N SER A 92 -13.22 -4.49 4.22
CA SER A 92 -13.97 -4.35 5.48
C SER A 92 -14.18 -5.64 6.28
N ARG A 93 -14.34 -6.77 5.60
CA ARG A 93 -14.53 -8.06 6.28
C ARG A 93 -13.27 -8.56 7.00
N GLY A 94 -12.10 -8.02 6.63
CA GLY A 94 -10.86 -8.46 7.27
C GLY A 94 -10.42 -9.84 6.82
N ILE A 95 -10.81 -10.21 5.60
CA ILE A 95 -10.41 -11.46 5.00
C ILE A 95 -9.49 -11.17 3.83
N ILE A 96 -8.34 -11.83 3.81
CA ILE A 96 -7.41 -11.71 2.70
C ILE A 96 -7.76 -12.81 1.71
N ARG A 97 -7.95 -12.42 0.46
CA ARG A 97 -8.18 -13.38 -0.60
C ARG A 97 -7.01 -13.38 -1.57
N ILE A 98 -6.55 -14.58 -1.90
CA ILE A 98 -5.53 -14.74 -2.90
C ILE A 98 -6.24 -15.16 -4.17
N ILE A 99 -6.12 -14.33 -5.20
CA ILE A 99 -6.89 -14.47 -6.44
C ILE A 99 -5.95 -14.89 -7.57
N ASN A 100 -6.36 -15.89 -8.34
CA ASN A 100 -5.70 -16.24 -9.59
C ASN A 100 -6.15 -15.22 -10.63
N PRO A 101 -5.23 -14.36 -11.11
CA PRO A 101 -5.67 -13.25 -11.96
C PRO A 101 -6.14 -13.71 -13.34
N ILE A 102 -5.68 -14.88 -13.78
CA ILE A 102 -6.07 -15.43 -15.07
C ILE A 102 -7.57 -15.77 -15.08
N THR A 103 -8.01 -16.57 -14.11
CA THR A 103 -9.37 -17.07 -14.03
C THR A 103 -10.27 -16.29 -13.05
N MET A 104 -9.63 -15.47 -12.22
CA MET A 104 -10.25 -14.75 -11.10
C MET A 104 -10.84 -15.67 -10.02
N GLN A 105 -10.34 -16.90 -9.96
CA GLN A 105 -10.69 -17.82 -8.88
C GLN A 105 -10.00 -17.40 -7.59
N CYS A 106 -10.73 -17.49 -6.48
CA CYS A 106 -10.12 -17.33 -5.16
C CYS A 106 -9.45 -18.67 -4.85
N ILE A 107 -8.12 -18.66 -4.79
CA ILE A 107 -7.34 -19.87 -4.52
C ILE A 107 -7.45 -20.21 -3.05
N LYS A 108 -7.37 -19.19 -2.19
CA LYS A 108 -7.42 -19.38 -0.74
C LYS A 108 -7.62 -18.05 -0.05
N HIS A 109 -7.96 -18.12 1.23
CA HIS A 109 -8.18 -16.91 2.00
C HIS A 109 -7.65 -17.05 3.43
N TYR A 110 -7.41 -15.90 4.06
CA TYR A 110 -6.83 -15.84 5.39
C TYR A 110 -7.71 -14.97 6.27
N VAL A 111 -8.07 -15.52 7.42
CA VAL A 111 -8.84 -14.80 8.42
C VAL A 111 -7.96 -14.62 9.65
N GLY A 112 -8.16 -13.53 10.38
CA GLY A 112 -7.44 -13.33 11.62
C GLY A 112 -7.73 -11.99 12.23
N HIS A 113 -7.45 -10.93 11.47
CA HIS A 113 -7.65 -9.55 11.92
C HIS A 113 -9.01 -9.35 12.57
N GLY A 114 -9.03 -8.51 13.60
CA GLY A 114 -10.23 -8.18 14.39
C GLY A 114 -11.23 -7.35 13.61
N ASN A 115 -10.79 -6.82 12.48
N ASN A 115 -10.76 -6.80 12.49
CA ASN A 115 -11.62 -5.93 11.69
CA ASN A 115 -11.57 -6.59 11.28
C ASN A 115 -11.09 -5.77 10.26
C ASN A 115 -10.96 -5.79 10.11
N ALA A 116 -11.57 -4.69 9.65
CA ALA A 116 -11.19 -4.20 8.31
C ALA A 116 -9.68 -4.17 8.06
N ILE A 117 -9.27 -4.59 6.87
CA ILE A 117 -7.86 -4.45 6.48
C ILE A 117 -7.72 -3.21 5.60
N ASN A 118 -6.86 -2.30 6.02
CA ASN A 118 -6.68 -1.02 5.35
C ASN A 118 -5.60 -1.05 4.27
N GLU A 119 -4.61 -1.94 4.42
CA GLU A 119 -3.55 -2.08 3.42
C GLU A 119 -2.90 -3.45 3.40
N LEU A 120 -2.47 -3.85 2.20
CA LEU A 120 -1.67 -5.03 1.96
C LEU A 120 -0.38 -4.63 1.25
N LYS A 121 0.73 -5.25 1.65
CA LYS A 121 2.03 -5.03 1.00
C LYS A 121 2.81 -6.35 0.97
N PHE A 122 3.42 -6.62 -0.18
CA PHE A 122 4.34 -7.76 -0.27
C PHE A 122 5.78 -7.34 -0.04
N HIS A 123 6.52 -8.22 0.62
CA HIS A 123 7.96 -8.07 0.86
C HIS A 123 8.71 -7.87 -0.49
N PRO A 124 9.70 -6.95 -0.54
CA PRO A 124 10.41 -6.67 -1.81
C PRO A 124 11.30 -7.82 -2.31
N ARG A 125 11.73 -8.69 -1.40
CA ARG A 125 12.66 -9.78 -1.74
C ARG A 125 12.03 -11.17 -1.70
N ASP A 126 10.93 -11.30 -0.96
CA ASP A 126 10.28 -12.59 -0.79
C ASP A 126 8.82 -12.44 -1.19
N PRO A 127 8.43 -13.07 -2.32
CA PRO A 127 7.07 -12.93 -2.84
C PRO A 127 6.00 -13.59 -1.97
N ASN A 128 6.42 -14.42 -1.01
CA ASN A 128 5.48 -15.13 -0.14
C ASN A 128 5.11 -14.37 1.15
N LEU A 129 5.83 -13.28 1.44
CA LEU A 129 5.63 -12.57 2.69
C LEU A 129 4.71 -11.35 2.55
N LEU A 130 3.49 -11.51 3.06
CA LEU A 130 2.44 -10.54 2.93
C LEU A 130 2.17 -9.85 4.24
N LEU A 131 2.19 -8.52 4.20
CA LEU A 131 1.90 -7.70 5.36
C LEU A 131 0.52 -7.10 5.22
N SER A 132 -0.29 -7.22 6.27
CA SER A 132 -1.61 -6.61 6.33
C SER A 132 -1.69 -5.66 7.53
N VAL A 133 -2.35 -4.53 7.35
CA VAL A 133 -2.54 -3.58 8.45
C VAL A 133 -4.03 -3.36 8.68
N SER A 134 -4.43 -3.26 9.95
CA SER A 134 -5.85 -3.39 10.28
C SER A 134 -6.44 -2.33 11.20
N LYS A 135 -7.73 -2.10 11.00
CA LYS A 135 -8.60 -1.34 11.88
C LYS A 135 -8.51 -1.84 13.32
N ASP A 136 -8.08 -3.09 13.52
CA ASP A 136 -7.90 -3.65 14.86
C ASP A 136 -6.60 -3.22 15.54
N HIS A 137 -5.89 -2.26 14.96
CA HIS A 137 -4.69 -1.64 15.56
C HIS A 137 -3.40 -2.42 15.34
N ALA A 138 -3.47 -3.57 14.68
CA ALA A 138 -2.30 -4.42 14.53
C ALA A 138 -1.87 -4.60 13.08
N LEU A 139 -0.61 -4.95 12.90
CA LEU A 139 -0.12 -5.49 11.62
C LEU A 139 0.09 -7.00 11.77
N ARG A 140 -0.10 -7.71 10.66
CA ARG A 140 0.14 -9.14 10.63
C ARG A 140 1.03 -9.49 9.45
N LEU A 141 2.01 -10.35 9.68
CA LEU A 141 2.87 -10.83 8.60
C LEU A 141 2.53 -12.29 8.32
N TRP A 142 2.15 -12.57 7.09
CA TRP A 142 1.74 -13.90 6.66
C TRP A 142 2.76 -14.51 5.68
N ASN A 143 2.88 -15.82 5.69
CA ASN A 143 3.64 -16.57 4.68
C ASN A 143 2.61 -17.32 3.83
N ILE A 144 2.41 -16.84 2.59
CA ILE A 144 1.36 -17.39 1.73
C ILE A 144 1.80 -18.61 0.89
N GLN A 145 2.97 -19.13 1.22
CA GLN A 145 3.44 -20.42 0.68
C GLN A 145 2.96 -21.53 1.62
N THR A 146 3.29 -21.42 2.90
CA THR A 146 2.91 -22.41 3.90
C THR A 146 1.62 -22.06 4.66
N ASP A 147 1.00 -20.94 4.27
CA ASP A 147 -0.27 -20.48 4.84
C ASP A 147 -0.19 -20.27 6.36
N THR A 148 0.90 -19.63 6.79
CA THR A 148 1.18 -19.41 8.21
C THR A 148 1.14 -17.93 8.58
N LEU A 149 0.63 -17.65 9.78
CA LEU A 149 0.74 -16.33 10.37
C LEU A 149 2.09 -16.23 11.06
N VAL A 150 3.00 -15.43 10.51
CA VAL A 150 4.37 -15.37 11.05
C VAL A 150 4.48 -14.56 12.34
N ALA A 151 3.81 -13.40 12.36
CA ALA A 151 3.90 -12.50 13.49
C ALA A 151 2.75 -11.49 13.49
N ILE A 152 2.44 -10.98 14.68
CA ILE A 152 1.47 -9.93 14.88
C ILE A 152 2.21 -8.78 15.56
N PHE A 153 2.10 -7.59 14.98
CA PHE A 153 2.76 -6.40 15.51
C PHE A 153 1.69 -5.54 16.17
N GLY A 154 1.68 -5.54 17.50
CA GLY A 154 0.59 -4.93 18.26
C GLY A 154 0.99 -4.48 19.64
N GLY A 155 0.12 -4.71 20.61
CA GLY A 155 0.39 -4.40 22.01
C GLY A 155 0.11 -2.97 22.37
N VAL A 156 0.20 -2.69 23.67
CA VAL A 156 -0.01 -1.35 24.25
C VAL A 156 0.91 -0.32 23.62
N GLU A 157 2.15 -0.73 23.36
CA GLU A 157 3.15 0.19 22.78
C GLU A 157 3.11 0.23 21.25
N GLY A 158 2.26 -0.61 20.66
CA GLY A 158 1.98 -0.55 19.22
C GLY A 158 0.92 0.50 18.95
N HIS A 159 0.29 0.44 17.77
CA HIS A 159 -0.73 1.43 17.44
C HIS A 159 -1.92 1.34 18.40
N ARG A 160 -2.51 2.50 18.70
CA ARG A 160 -3.64 2.60 19.64
C ARG A 160 -4.95 2.95 18.92
N ASP A 161 -4.92 2.94 17.58
CA ASP A 161 -6.09 3.17 16.75
C ASP A 161 -5.81 2.48 15.41
N GLU A 162 -6.73 2.57 14.45
CA GLU A 162 -6.59 1.88 13.15
C GLU A 162 -5.23 2.12 12.53
N VAL A 163 -4.61 1.06 12.04
CA VAL A 163 -3.43 1.19 11.20
C VAL A 163 -3.91 1.39 9.76
N LEU A 164 -3.42 2.43 9.11
CA LEU A 164 -3.91 2.81 7.79
C LEU A 164 -2.95 2.47 6.65
N SER A 165 -1.65 2.43 6.97
CA SER A 165 -0.63 2.16 5.96
C SER A 165 0.64 1.57 6.59
N ALA A 166 1.44 0.89 5.77
CA ALA A 166 2.76 0.43 6.14
C ALA A 166 3.59 0.19 4.87
N ASP A 167 4.91 0.23 5.02
CA ASP A 167 5.83 -0.01 3.91
C ASP A 167 7.10 -0.71 4.38
N TYR A 168 7.53 -1.72 3.62
CA TYR A 168 8.82 -2.35 3.81
C TYR A 168 9.88 -1.41 3.25
N ASP A 169 11.05 -1.34 3.90
CA ASP A 169 12.20 -0.69 3.28
C ASP A 169 12.71 -1.50 2.09
N LEU A 170 13.74 -0.99 1.41
CA LEU A 170 14.33 -1.59 0.20
C LEU A 170 14.59 -3.10 0.29
N LEU A 171 15.24 -3.55 1.36
CA LEU A 171 15.62 -4.96 1.47
C LEU A 171 14.60 -5.79 2.24
N GLY A 172 13.56 -5.15 2.76
CA GLY A 172 12.59 -5.83 3.61
C GLY A 172 13.16 -6.21 4.97
N GLU A 173 14.05 -5.37 5.50
CA GLU A 173 14.65 -5.56 6.82
C GLU A 173 13.83 -4.90 7.92
N LYS A 174 13.00 -3.94 7.54
CA LYS A 174 12.17 -3.21 8.48
C LYS A 174 10.90 -2.68 7.81
N ILE A 175 9.92 -2.37 8.64
CA ILE A 175 8.63 -1.86 8.22
C ILE A 175 8.40 -0.54 8.94
N MET A 176 7.86 0.45 8.24
CA MET A 176 7.31 1.64 8.89
C MET A 176 5.79 1.59 8.72
N SER A 177 5.05 1.72 9.82
CA SER A 177 3.59 1.74 9.79
C SER A 177 3.08 3.07 10.31
N CYS A 178 1.82 3.38 10.00
CA CYS A 178 1.21 4.62 10.47
C CYS A 178 -0.30 4.45 10.57
N GLY A 179 -0.95 5.32 11.34
CA GLY A 179 -2.40 5.25 11.45
C GLY A 179 -3.10 6.41 12.14
N MET A 180 -4.29 6.12 12.64
CA MET A 180 -5.18 7.12 13.22
C MET A 180 -4.69 7.74 14.52
N ASP A 181 -3.75 7.07 15.20
CA ASP A 181 -3.15 7.62 16.42
C ASP A 181 -2.09 8.70 16.16
N HIS A 182 -1.96 9.13 14.90
CA HIS A 182 -1.04 10.22 14.47
C HIS A 182 0.41 9.77 14.44
N SER A 183 0.67 8.51 14.78
CA SER A 183 2.03 8.03 14.93
C SER A 183 2.56 7.24 13.74
N LEU A 184 3.89 7.22 13.62
CA LEU A 184 4.59 6.37 12.68
C LEU A 184 5.50 5.45 13.50
N LYS A 185 5.43 4.14 13.24
CA LYS A 185 6.20 3.18 14.03
C LYS A 185 7.07 2.26 13.19
N LEU A 186 8.30 2.04 13.68
CA LEU A 186 9.27 1.19 13.01
C LEU A 186 9.28 -0.20 13.64
N TRP A 187 9.23 -1.23 12.80
CA TRP A 187 9.32 -2.60 13.27
C TRP A 187 10.38 -3.31 12.46
N ARG A 188 11.48 -3.66 13.11
CA ARG A 188 12.58 -4.35 12.43
C ARG A 188 12.23 -5.83 12.32
N ILE A 189 12.33 -6.36 11.10
CA ILE A 189 12.01 -7.78 10.87
C ILE A 189 13.25 -8.58 10.48
N ASN A 190 14.42 -7.98 10.69
CA ASN A 190 15.71 -8.65 10.51
C ASN A 190 16.38 -9.00 11.84
N SER A 191 15.65 -8.89 12.95
CA SER A 191 16.15 -9.36 14.25
C SER A 191 16.35 -10.86 14.17
N LYS A 192 17.19 -11.39 15.06
CA LYS A 192 17.38 -12.83 15.19
C LYS A 192 16.04 -13.55 15.37
N ARG A 193 15.16 -13.00 16.21
CA ARG A 193 13.84 -13.58 16.47
C ARG A 193 12.96 -13.63 15.21
N MET A 194 12.90 -12.52 14.47
CA MET A 194 12.05 -12.44 13.29
C MET A 194 12.57 -13.27 12.12
N MET A 195 13.90 -13.32 11.97
CA MET A 195 14.51 -14.11 10.90
C MET A 195 14.33 -15.61 11.13
N ASN A 196 14.40 -16.03 12.40
CA ASN A 196 14.16 -17.41 12.77
C ASN A 196 12.69 -17.77 12.57
N ALA A 197 11.81 -16.83 12.93
CA ALA A 197 10.37 -17.01 12.77
C ALA A 197 10.00 -17.24 11.31
N ILE A 198 10.56 -16.43 10.41
CA ILE A 198 10.36 -16.59 8.96
C ILE A 198 10.86 -17.97 8.46
N LYS A 199 12.05 -18.35 8.90
CA LYS A 199 12.61 -19.66 8.54
C LYS A 199 11.71 -20.81 9.04
N GLU A 200 11.28 -20.73 10.29
CA GLU A 200 10.36 -21.74 10.82
C GLU A 200 9.04 -21.79 10.05
N SER A 201 8.55 -20.62 9.61
CA SER A 201 7.31 -20.57 8.79
C SER A 201 7.45 -21.38 7.51
N TYR A 202 8.64 -21.38 6.92
CA TYR A 202 8.92 -22.17 5.72
C TYR A 202 9.02 -23.67 6.00
N ASP A 203 9.48 -24.04 7.20
CA ASP A 203 9.62 -25.45 7.57
C ASP A 203 8.29 -26.06 8.02
N TYR A 204 7.27 -25.21 8.16
CA TYR A 204 5.99 -25.69 8.69
C TYR A 204 5.11 -26.36 7.65
N ASN A 205 4.77 -27.62 7.91
CA ASN A 205 3.82 -28.39 7.10
C ASN A 205 2.87 -29.10 8.07
N PRO A 206 1.61 -28.63 8.14
CA PRO A 206 0.64 -29.16 9.10
C PRO A 206 0.39 -30.66 8.94
N ASN A 207 0.64 -31.20 7.75
CA ASN A 207 0.48 -32.63 7.50
C ASN A 207 1.63 -33.48 7.98
N LYS A 208 2.73 -32.85 8.37
CA LYS A 208 3.92 -33.58 8.81
C LYS A 208 4.21 -33.42 10.30
N THR A 209 3.29 -32.79 11.02
CA THR A 209 3.53 -32.48 12.43
C THR A 209 2.22 -32.43 13.20
N ASN A 210 2.32 -32.40 14.53
CA ASN A 210 1.17 -32.28 15.43
C ASN A 210 0.95 -30.85 15.93
N ARG A 211 2.02 -30.07 15.93
CA ARG A 211 1.98 -28.71 16.46
C ARG A 211 1.22 -27.74 15.54
N PRO A 212 0.54 -26.76 16.14
CA PRO A 212 0.09 -25.61 15.37
C PRO A 212 1.31 -24.72 15.08
N PHE A 213 1.24 -23.85 14.08
CA PHE A 213 2.32 -22.90 13.90
C PHE A 213 2.21 -21.75 14.90
N ILE A 214 3.30 -21.46 15.60
CA ILE A 214 3.24 -20.41 16.60
C ILE A 214 3.69 -19.06 16.02
N SER A 215 2.83 -18.05 16.16
CA SER A 215 3.11 -16.70 15.68
C SER A 215 3.91 -15.91 16.70
N GLN A 216 4.79 -15.04 16.22
CA GLN A 216 5.46 -14.09 17.10
C GLN A 216 4.48 -12.99 17.50
N LYS A 217 4.52 -12.62 18.78
CA LYS A 217 3.79 -11.47 19.28
C LYS A 217 4.83 -10.38 19.48
N ILE A 218 4.82 -9.38 18.59
CA ILE A 218 5.76 -8.28 18.68
C ILE A 218 5.05 -7.07 19.27
N HIS A 219 5.38 -6.74 20.52
CA HIS A 219 4.63 -5.71 21.24
C HIS A 219 5.30 -4.37 21.42
N PHE A 220 6.48 -4.20 20.81
CA PHE A 220 7.27 -2.98 20.96
C PHE A 220 7.94 -2.56 19.66
N PRO A 221 7.58 -1.37 19.15
CA PRO A 221 8.24 -0.84 17.96
C PRO A 221 9.70 -0.51 18.25
N ASP A 222 10.51 -0.46 17.21
CA ASP A 222 11.93 -0.12 17.32
C ASP A 222 12.18 1.40 17.26
N PHE A 223 11.12 2.13 16.93
CA PHE A 223 11.08 3.59 16.96
C PHE A 223 9.62 3.98 16.85
N SER A 224 9.28 5.13 17.43
CA SER A 224 7.93 5.69 17.33
C SER A 224 7.97 7.20 17.38
N THR A 225 7.18 7.85 16.53
CA THR A 225 7.01 9.29 16.58
C THR A 225 5.57 9.73 16.33
N ARG A 226 5.15 10.77 17.04
CA ARG A 226 3.92 11.50 16.76
C ARG A 226 4.23 12.97 16.42
N ASP A 227 5.49 13.24 16.08
CA ASP A 227 5.96 14.61 15.83
C ASP A 227 5.94 15.05 14.37
N ILE A 228 5.40 14.22 13.48
CA ILE A 228 5.42 14.55 12.04
C ILE A 228 4.12 15.21 11.57
N HIS A 229 3.01 14.58 11.92
CA HIS A 229 1.69 15.07 11.50
C HIS A 229 0.84 15.32 12.75
N ARG A 230 -0.27 16.01 12.59
CA ARG A 230 -1.16 16.30 13.71
C ARG A 230 -2.57 15.80 13.43
N ASN A 231 -2.67 14.81 12.56
CA ASN A 231 -3.93 14.13 12.26
C ASN A 231 -3.62 12.71 11.77
N TYR A 232 -4.65 11.99 11.31
CA TYR A 232 -4.53 10.63 10.79
C TYR A 232 -3.42 10.49 9.74
N VAL A 233 -2.49 9.57 9.96
CA VAL A 233 -1.43 9.35 8.98
C VAL A 233 -1.88 8.18 8.11
N ASP A 234 -2.16 8.49 6.84
CA ASP A 234 -2.88 7.53 5.97
C ASP A 234 -2.04 6.93 4.83
N CYS A 235 -0.77 7.30 4.75
CA CYS A 235 0.12 6.79 3.69
C CYS A 235 1.59 6.98 4.04
N VAL A 236 2.37 5.89 3.92
CA VAL A 236 3.80 5.94 4.23
C VAL A 236 4.63 5.18 3.19
N ARG A 237 5.78 5.73 2.84
CA ARG A 237 6.72 5.08 1.91
C ARG A 237 8.15 5.38 2.35
N TRP A 238 9.00 4.35 2.33
CA TRP A 238 10.44 4.55 2.46
C TRP A 238 11.01 5.21 1.20
N LEU A 239 11.93 6.14 1.38
CA LEU A 239 12.73 6.67 0.27
C LEU A 239 14.20 6.49 0.64
N GLY A 240 14.72 5.29 0.37
CA GLY A 240 16.01 4.87 0.92
C GLY A 240 15.88 4.75 2.43
N ASP A 241 16.75 5.47 3.15
CA ASP A 241 16.71 5.52 4.60
C ASP A 241 15.79 6.61 5.17
N LEU A 242 15.18 7.40 4.28
CA LEU A 242 14.25 8.46 4.66
C LEU A 242 12.81 7.97 4.54
N ILE A 243 11.90 8.70 5.15
CA ILE A 243 10.47 8.37 5.10
C ILE A 243 9.68 9.46 4.39
N LEU A 244 8.74 9.04 3.54
CA LEU A 244 7.70 9.95 3.06
C LEU A 244 6.37 9.55 3.68
N SER A 245 5.70 10.50 4.32
CA SER A 245 4.40 10.23 4.88
C SER A 245 3.46 11.41 4.74
N LYS A 246 2.17 11.13 4.69
CA LYS A 246 1.18 12.19 4.64
C LYS A 246 0.05 11.95 5.60
N SER A 247 -0.61 13.03 5.96
CA SER A 247 -1.85 13.00 6.72
C SER A 247 -2.91 13.65 5.84
N CYS A 248 -4.02 14.08 6.44
CA CYS A 248 -5.05 14.80 5.70
C CYS A 248 -4.88 16.32 5.84
N GLU A 249 -3.62 16.75 5.92
CA GLU A 249 -3.26 18.14 6.18
C GLU A 249 -2.57 18.81 4.98
N ASN A 250 -2.80 18.24 3.79
CA ASN A 250 -2.29 18.81 2.53
C ASN A 250 -0.77 18.90 2.45
N ALA A 251 -0.07 17.90 2.99
CA ALA A 251 1.38 17.82 2.89
C ALA A 251 1.89 16.38 2.93
N ILE A 252 2.88 16.10 2.08
CA ILE A 252 3.75 14.95 2.25
C ILE A 252 5.03 15.43 2.94
N VAL A 253 5.38 14.82 4.07
CA VAL A 253 6.59 15.21 4.79
C VAL A 253 7.70 14.19 4.50
N CYS A 254 8.89 14.70 4.18
CA CYS A 254 10.09 13.88 4.11
C CYS A 254 10.89 14.04 5.40
N TRP A 255 11.09 12.93 6.10
CA TRP A 255 11.74 12.97 7.42
C TRP A 255 12.55 11.71 7.69
N LYS A 256 13.35 11.75 8.75
CA LYS A 256 14.06 10.57 9.24
C LYS A 256 14.08 10.55 10.77
N PRO A 257 14.11 9.36 11.38
CA PRO A 257 14.31 9.23 12.83
C PRO A 257 15.68 9.75 13.25
N GLY A 258 15.76 10.25 14.49
CA GLY A 258 17.01 10.76 15.05
C GLY A 258 17.42 12.10 14.47
N LYS A 259 18.67 12.47 14.69
CA LYS A 259 19.20 13.74 14.19
C LYS A 259 19.78 13.55 12.79
N MET A 260 20.11 14.67 12.14
CA MET A 260 20.49 14.69 10.73
C MET A 260 21.53 13.64 10.37
N GLU A 261 22.47 13.41 11.27
CA GLU A 261 23.61 12.54 11.00
C GLU A 261 23.39 11.09 11.45
N ASP A 262 22.26 10.82 12.10
CA ASP A 262 21.97 9.51 12.68
C ASP A 262 21.60 8.42 11.67
N ASP A 263 22.37 7.33 11.70
CA ASP A 263 22.14 6.14 10.88
C ASP A 263 20.89 5.41 11.36
N ILE A 264 20.00 5.10 10.42
CA ILE A 264 18.72 4.42 10.70
C ILE A 264 18.88 3.12 11.49
N ASP A 265 19.96 2.38 11.24
CA ASP A 265 20.17 1.11 11.93
C ASP A 265 20.84 1.29 13.30
N LYS A 266 21.18 2.53 13.63
CA LYS A 266 21.73 2.86 14.94
C LYS A 266 20.67 3.46 15.87
N ILE A 267 19.47 3.68 15.33
CA ILE A 267 18.35 4.26 16.09
C ILE A 267 17.84 3.26 17.14
N LYS A 268 17.75 3.71 18.39
CA LYS A 268 17.25 2.89 19.50
C LYS A 268 15.77 3.20 19.76
N PRO A 269 15.01 2.23 20.32
CA PRO A 269 13.57 2.41 20.57
C PRO A 269 13.21 3.65 21.38
N SER A 270 14.16 4.19 22.14
CA SER A 270 13.94 5.37 22.97
C SER A 270 14.14 6.70 22.21
N GLU A 271 14.57 6.64 20.95
CA GLU A 271 14.85 7.86 20.16
C GLU A 271 13.73 8.90 20.23
N SER A 272 14.08 10.10 20.69
CA SER A 272 13.14 11.20 20.89
C SER A 272 13.07 12.16 19.71
N ASN A 273 14.05 12.11 18.82
CA ASN A 273 14.14 13.12 17.78
C ASN A 273 13.75 12.64 16.38
N VAL A 274 13.28 13.59 15.58
CA VAL A 274 13.13 13.40 14.13
C VAL A 274 13.80 14.58 13.40
N THR A 275 14.14 14.37 12.13
CA THR A 275 14.70 15.44 11.29
C THR A 275 13.82 15.62 10.06
N ILE A 276 13.34 16.84 9.84
CA ILE A 276 12.50 17.15 8.70
C ILE A 276 13.38 17.65 7.56
N LEU A 277 13.36 16.89 6.45
CA LEU A 277 14.20 17.17 5.28
C LEU A 277 13.48 17.92 4.17
N GLY A 278 12.17 18.05 4.30
CA GLY A 278 11.38 18.74 3.29
C GLY A 278 9.91 18.51 3.47
N ARG A 279 9.10 19.26 2.74
CA ARG A 279 7.66 19.06 2.76
C ARG A 279 7.05 19.48 1.43
N PHE A 280 6.25 18.59 0.86
CA PHE A 280 5.57 18.87 -0.41
C PHE A 280 4.12 19.25 -0.16
N ASP A 281 3.83 20.54 -0.28
CA ASP A 281 2.47 21.02 -0.07
C ASP A 281 1.64 20.90 -1.35
N TYR A 282 0.34 20.80 -1.17
CA TYR A 282 -0.61 20.70 -2.27
C TYR A 282 -1.95 21.17 -1.69
N SER A 283 -3.03 21.01 -2.44
CA SER A 283 -4.31 21.56 -2.04
C SER A 283 -5.44 20.55 -2.05
N GLN A 284 -6.44 20.84 -1.22
CA GLN A 284 -7.75 20.17 -1.21
C GLN A 284 -7.66 18.65 -1.09
N CYS A 285 -7.03 18.20 -0.01
CA CYS A 285 -6.94 16.78 0.30
C CYS A 285 -7.08 16.67 1.81
N ASP A 286 -8.26 17.09 2.29
CA ASP A 286 -8.59 17.20 3.71
C ASP A 286 -9.29 15.94 4.21
N ILE A 287 -9.68 15.07 3.28
CA ILE A 287 -10.28 13.79 3.63
C ILE A 287 -9.15 12.77 3.80
N TRP A 288 -9.39 11.75 4.64
CA TRP A 288 -8.41 10.70 4.86
C TRP A 288 -8.63 9.44 3.99
N TYR A 289 -7.59 8.61 3.90
CA TYR A 289 -7.53 7.45 3.01
C TYR A 289 -7.36 7.90 1.55
N MET A 290 -6.27 8.64 1.34
CA MET A 290 -5.88 9.20 0.06
C MET A 290 -4.40 8.89 -0.08
N ARG A 291 -4.08 8.02 -1.01
CA ARG A 291 -2.74 7.45 -1.09
C ARG A 291 -1.89 7.95 -2.22
N PHE A 292 -0.64 8.27 -1.93
CA PHE A 292 0.32 8.53 -2.97
C PHE A 292 0.98 7.23 -3.42
N SER A 293 1.59 7.24 -4.60
CA SER A 293 2.36 6.09 -5.06
C SER A 293 3.66 6.55 -5.69
N THR A 294 4.63 5.65 -5.78
CA THR A 294 5.84 5.94 -6.53
C THR A 294 6.00 4.94 -7.66
N ASP A 295 6.81 5.31 -8.65
CA ASP A 295 7.15 4.42 -9.75
C ASP A 295 8.10 3.33 -9.25
N PHE A 296 8.39 2.35 -10.12
CA PHE A 296 9.30 1.26 -9.77
C PHE A 296 10.65 1.73 -9.23
N TRP A 297 11.25 2.71 -9.90
CA TRP A 297 12.61 3.17 -9.57
C TRP A 297 12.65 4.20 -8.46
N GLN A 298 11.47 4.69 -8.06
CA GLN A 298 11.32 5.78 -7.09
C GLN A 298 11.90 7.10 -7.58
N LYS A 299 11.76 7.36 -8.89
CA LYS A 299 12.13 8.63 -9.50
C LYS A 299 11.01 9.67 -9.38
N MET A 300 9.79 9.18 -9.18
CA MET A 300 8.62 10.06 -9.09
C MET A 300 7.58 9.60 -8.08
N LEU A 301 6.71 10.54 -7.73
CA LEU A 301 5.72 10.39 -6.69
C LEU A 301 4.44 11.03 -7.19
N ALA A 302 3.32 10.30 -7.14
CA ALA A 302 2.04 10.86 -7.59
C ALA A 302 0.96 10.79 -6.50
N LEU A 303 0.17 11.86 -6.41
CA LEU A 303 -0.94 11.93 -5.48
C LEU A 303 -2.13 12.65 -6.12
N GLY A 304 -3.33 12.08 -5.95
CA GLY A 304 -4.55 12.77 -6.34
C GLY A 304 -5.21 13.44 -5.16
N ASN A 305 -5.94 14.52 -5.41
CA ASN A 305 -6.67 15.18 -4.33
C ASN A 305 -8.21 14.94 -4.40
N GLN A 306 -8.94 15.62 -3.51
CA GLN A 306 -10.38 15.35 -3.35
C GLN A 306 -11.29 15.95 -4.44
N VAL A 307 -10.72 16.75 -5.34
CA VAL A 307 -11.45 17.30 -6.46
C VAL A 307 -10.86 16.90 -7.83
N GLY A 308 -10.06 15.83 -7.85
CA GLY A 308 -9.64 15.19 -9.10
C GLY A 308 -8.41 15.77 -9.77
N LYS A 309 -7.59 16.46 -8.99
CA LYS A 309 -6.34 17.01 -9.48
C LYS A 309 -5.17 16.09 -9.12
N LEU A 310 -4.27 15.87 -10.08
CA LEU A 310 -3.10 15.05 -9.84
C LEU A 310 -1.84 15.88 -9.63
N TYR A 311 -1.09 15.53 -8.59
CA TYR A 311 0.23 16.11 -8.34
C TYR A 311 1.28 15.04 -8.57
N VAL A 312 2.31 15.40 -9.34
CA VAL A 312 3.44 14.51 -9.61
C VAL A 312 4.74 15.22 -9.24
N TRP A 313 5.53 14.61 -8.36
CA TRP A 313 6.84 15.17 -7.97
C TRP A 313 7.97 14.35 -8.57
N ASP A 314 8.89 15.06 -9.23
CA ASP A 314 10.16 14.53 -9.73
C ASP A 314 11.19 14.50 -8.59
N LEU A 315 11.55 13.30 -8.14
CA LEU A 315 12.43 13.12 -6.99
C LEU A 315 13.88 12.96 -7.40
N GLU A 316 14.13 13.03 -8.71
CA GLU A 316 15.45 12.89 -9.29
C GLU A 316 16.22 14.22 -9.17
N VAL A 317 16.55 14.56 -7.92
CA VAL A 317 17.24 15.79 -7.55
C VAL A 317 18.11 15.45 -6.35
N GLU A 318 19.02 16.33 -5.95
CA GLU A 318 20.05 16.00 -4.96
C GLU A 318 19.53 15.90 -3.52
N ASP A 319 18.49 16.66 -3.21
CA ASP A 319 17.95 16.66 -1.87
C ASP A 319 16.42 16.60 -1.94
N PRO A 320 15.77 16.01 -0.92
CA PRO A 320 14.30 15.88 -0.94
C PRO A 320 13.56 17.20 -1.22
N HIS A 321 13.98 18.28 -0.57
CA HIS A 321 13.27 19.57 -0.67
C HIS A 321 13.39 20.23 -2.05
N LYS A 322 14.20 19.67 -2.95
CA LYS A 322 14.36 20.21 -4.30
C LYS A 322 13.45 19.55 -5.32
N ALA A 323 12.55 18.67 -4.87
CA ALA A 323 11.65 17.95 -5.77
C ALA A 323 10.83 18.91 -6.62
N LYS A 324 10.65 18.54 -7.89
CA LYS A 324 9.97 19.38 -8.87
C LYS A 324 8.56 18.87 -9.09
N CYS A 325 7.59 19.76 -8.85
CA CYS A 325 6.19 19.41 -8.94
C CYS A 325 5.59 19.76 -10.30
N THR A 326 4.73 18.87 -10.76
CA THR A 326 3.96 19.06 -11.98
C THR A 326 2.51 18.69 -11.66
N THR A 327 1.55 19.38 -12.28
CA THR A 327 0.15 19.04 -12.03
C THR A 327 -0.60 18.58 -13.28
N LEU A 328 -1.56 17.68 -13.07
CA LEU A 328 -2.35 17.11 -14.15
C LEU A 328 -3.84 17.24 -13.83
N THR A 329 -4.54 17.99 -14.68
CA THR A 329 -5.98 18.21 -14.51
C THR A 329 -6.72 17.87 -15.79
N HIS A 330 -7.95 17.42 -15.63
CA HIS A 330 -8.88 17.20 -16.74
C HIS A 330 -10.23 17.78 -16.33
N HIS A 331 -10.89 18.47 -17.25
CA HIS A 331 -12.11 19.21 -16.93
C HIS A 331 -13.30 18.34 -16.50
N LYS A 332 -13.26 17.04 -16.83
CA LYS A 332 -14.32 16.12 -16.44
C LYS A 332 -13.90 15.20 -15.27
N CYS A 333 -12.67 15.38 -14.79
CA CYS A 333 -12.18 14.63 -13.64
C CYS A 333 -12.32 15.48 -12.38
N GLY A 334 -13.45 15.32 -11.70
CA GLY A 334 -13.81 16.16 -10.58
C GLY A 334 -14.05 15.44 -9.28
N ALA A 335 -14.06 14.11 -9.30
CA ALA A 335 -14.23 13.30 -8.10
C ALA A 335 -12.91 13.07 -7.39
N ALA A 336 -12.98 12.70 -6.10
CA ALA A 336 -11.79 12.46 -5.31
C ALA A 336 -10.98 11.29 -5.86
N ILE A 337 -9.67 11.49 -6.02
CA ILE A 337 -8.76 10.42 -6.44
C ILE A 337 -8.19 9.74 -5.19
N ARG A 338 -8.41 8.43 -5.08
CA ARG A 338 -8.04 7.66 -3.88
C ARG A 338 -6.64 7.11 -3.91
N GLN A 339 -6.20 6.74 -5.12
CA GLN A 339 -4.89 6.17 -5.33
C GLN A 339 -4.50 6.30 -6.81
N THR A 340 -3.19 6.27 -7.03
CA THR A 340 -2.57 6.25 -8.35
C THR A 340 -1.69 5.00 -8.47
N SER A 341 -1.35 4.63 -9.70
CA SER A 341 -0.40 3.57 -9.98
C SER A 341 0.32 3.85 -11.29
N PHE A 342 1.65 3.81 -11.25
CA PHE A 342 2.48 3.82 -12.47
C PHE A 342 2.64 2.40 -12.97
N SER A 343 2.65 2.21 -14.30
CA SER A 343 3.13 0.97 -14.90
C SER A 343 4.60 0.84 -14.52
N ARG A 344 5.16 -0.37 -14.62
CA ARG A 344 6.52 -0.63 -14.18
C ARG A 344 7.55 0.19 -14.96
N ASP A 345 7.29 0.35 -16.27
CA ASP A 345 8.15 1.12 -17.18
C ASP A 345 7.90 2.64 -17.12
N SER A 346 7.00 3.04 -16.23
CA SER A 346 6.57 4.43 -16.02
C SER A 346 5.89 5.13 -17.23
N SER A 347 5.48 4.37 -18.25
CA SER A 347 4.83 4.96 -19.42
C SER A 347 3.37 5.35 -19.18
N ILE A 348 2.74 4.71 -18.18
CA ILE A 348 1.33 4.95 -17.89
C ILE A 348 1.10 5.24 -16.41
N LEU A 349 0.26 6.24 -16.14
CA LEU A 349 -0.22 6.55 -14.79
C LEU A 349 -1.75 6.44 -14.77
N ILE A 350 -2.25 5.60 -13.86
CA ILE A 350 -3.70 5.43 -13.66
C ILE A 350 -4.10 6.06 -12.32
N ALA A 351 -5.21 6.81 -12.34
CA ALA A 351 -5.87 7.33 -11.14
C ALA A 351 -7.28 6.77 -11.03
N VAL A 352 -7.70 6.42 -9.82
CA VAL A 352 -9.07 5.92 -9.62
C VAL A 352 -9.81 6.76 -8.60
N CYS A 353 -11.13 6.87 -8.75
CA CYS A 353 -11.93 7.89 -8.06
C CYS A 353 -13.12 7.37 -7.28
N ASP A 354 -13.64 8.25 -6.43
CA ASP A 354 -14.81 8.00 -5.61
C ASP A 354 -16.12 7.74 -6.35
N ASP A 355 -16.17 8.18 -7.60
CA ASP A 355 -17.36 7.97 -8.45
C ASP A 355 -17.19 6.77 -9.38
N ALA A 356 -16.25 5.87 -9.03
CA ALA A 356 -15.93 4.66 -9.79
C ALA A 356 -15.26 4.87 -11.15
N SER A 357 -14.78 6.09 -11.41
CA SER A 357 -14.07 6.37 -12.65
C SER A 357 -12.57 6.04 -12.59
N ILE A 358 -12.01 5.76 -13.76
CA ILE A 358 -10.63 5.37 -13.92
C ILE A 358 -10.05 6.30 -14.97
N TRP A 359 -8.89 6.89 -14.67
CA TRP A 359 -8.28 7.87 -15.56
C TRP A 359 -6.89 7.43 -16.00
N ARG A 360 -6.68 7.40 -17.32
CA ARG A 360 -5.41 6.97 -17.88
C ARG A 360 -4.60 8.12 -18.45
N TRP A 361 -3.38 8.25 -17.95
CA TRP A 361 -2.45 9.29 -18.36
C TRP A 361 -1.21 8.61 -18.95
N ASP A 362 -0.87 8.94 -20.19
CA ASP A 362 0.32 8.37 -20.85
C ASP A 362 1.44 9.38 -20.93
N ARG A 363 2.66 8.91 -20.69
CA ARG A 363 3.85 9.78 -20.66
C ARG A 363 4.27 10.17 -22.08
N ARG B 3 -14.68 15.25 13.20
CA ARG B 3 -13.64 16.15 12.62
C ARG B 3 -13.18 15.70 11.23
N HIS B 4 -12.63 14.49 11.14
CA HIS B 4 -11.94 14.01 9.93
C HIS B 4 -12.75 13.01 9.10
N ARG B 5 -13.27 13.46 7.97
CA ARG B 5 -14.13 12.64 7.11
C ARG B 5 -13.32 11.78 6.14
N VAL B 7 -14.97 10.42 3.42
CA VAL B 7 -15.58 10.84 2.17
C VAL B 7 -16.12 12.27 2.25
N LEU B 8 -16.17 12.96 1.11
CA LEU B 8 -16.69 14.32 1.05
C LEU B 8 -18.18 14.38 1.34
N ARG B 9 -18.57 15.37 2.14
CA ARG B 9 -19.95 15.53 2.59
C ARG B 9 -20.89 16.00 1.48
#